data_3CMN
#
_entry.id   3CMN
#
_cell.length_a   75.968
_cell.length_b   75.968
_cell.length_c   124.718
_cell.angle_alpha   90.00
_cell.angle_beta   90.00
_cell.angle_gamma   90.00
#
_symmetry.space_group_name_H-M   'P 42 21 2'
#
loop_
_entity.id
_entity.type
_entity.pdbx_description
1 polymer 'Putative hydrolase'
2 water water
#
_entity_poly.entity_id   1
_entity_poly.type   'polypeptide(L)'
_entity_poly.pdbx_seq_one_letter_code
;MSLETRARNSTRPASGLIDWEQARQAALRLSQWEQAPVDNRAFRREQYARMVALSEPLIADYLGVRLPEPVSRIFVFDRR
EWLEANIVSFSQLFRPIEEMYEKNGGGRGALGVLMNDVSSKLLGVQIGGLLGYLAQRVLGQYDLSLLSAEATGGSLYFVE
PNIARVQQQLGLSDEDFRLWITLHEMTHAFEFEAYPWVRTYFRELLEQNFALVSGQMLSSGNSLVDMLMRLLQGIGSGQH
WIETVLTPEQRAVFDRIQALMSLIEGYGNHVMNAVGRRLLPSFNQIEQQIAQRQRQRTMLDQMVFRLTGLDLKLAQYQQG
EAFVNAVVAARGIQFASRVWERPENLPSMDEIRNPGQWIVRMDREGHHHHHH
;
_entity_poly.pdbx_strand_id   A
#
# COMPACT_ATOMS: atom_id res chain seq x y z
N LEU A 17 6.42 0.25 -27.64
CA LEU A 17 5.02 0.76 -27.56
C LEU A 17 4.93 2.11 -26.85
N ILE A 18 5.76 2.27 -25.81
CA ILE A 18 5.74 3.49 -25.03
C ILE A 18 7.10 4.13 -24.97
N ASP A 19 7.15 5.44 -25.15
CA ASP A 19 8.41 6.15 -25.07
C ASP A 19 8.60 6.54 -23.62
N TRP A 20 9.36 5.73 -22.89
CA TRP A 20 9.58 5.96 -21.47
C TRP A 20 10.44 7.15 -21.11
N GLU A 21 11.15 7.73 -22.07
CA GLU A 21 11.95 8.90 -21.75
C GLU A 21 11.09 10.13 -21.90
N GLN A 22 10.01 10.01 -22.67
CA GLN A 22 9.08 11.10 -22.82
C GLN A 22 8.26 11.06 -21.54
N ALA A 23 7.94 9.84 -21.11
CA ALA A 23 7.18 9.62 -19.90
C ALA A 23 7.94 10.18 -18.70
N ARG A 24 9.23 9.86 -18.61
CA ARG A 24 10.07 10.32 -17.52
C ARG A 24 10.05 11.84 -17.42
N GLN A 25 10.23 12.52 -18.55
CA GLN A 25 10.21 13.98 -18.57
C GLN A 25 8.88 14.54 -18.17
N ALA A 26 7.81 13.95 -18.68
CA ALA A 26 6.45 14.37 -18.36
C ALA A 26 6.18 14.23 -16.86
N ALA A 27 6.65 13.14 -16.28
CA ALA A 27 6.47 12.87 -14.85
C ALA A 27 7.23 13.89 -14.02
N LEU A 28 8.49 14.10 -14.36
CA LEU A 28 9.33 15.06 -13.65
C LEU A 28 8.74 16.45 -13.63
N ARG A 29 8.17 16.87 -14.76
CA ARG A 29 7.59 18.20 -14.88
C ARG A 29 6.25 18.37 -14.19
N LEU A 30 5.38 17.38 -14.31
CA LEU A 30 4.07 17.49 -13.67
C LEU A 30 4.21 17.34 -12.15
N SER A 31 5.25 16.67 -11.69
CA SER A 31 5.45 16.48 -10.25
C SER A 31 5.76 17.81 -9.54
N GLN A 32 6.30 18.78 -10.29
CA GLN A 32 6.66 20.08 -9.75
C GLN A 32 7.57 19.90 -8.54
N TRP A 33 8.54 19.00 -8.68
CA TRP A 33 9.42 18.70 -7.57
C TRP A 33 10.18 19.92 -7.04
N GLU A 34 10.56 20.83 -7.93
CA GLU A 34 11.31 22.01 -7.52
C GLU A 34 10.59 22.87 -6.50
N GLN A 35 9.26 22.85 -6.52
CA GLN A 35 8.48 23.66 -5.59
C GLN A 35 8.28 23.01 -4.24
N ALA A 36 8.70 21.77 -4.09
CA ALA A 36 8.50 21.09 -2.83
C ALA A 36 9.74 20.36 -2.33
N PRO A 37 10.84 21.09 -2.15
CA PRO A 37 12.08 20.46 -1.67
C PRO A 37 11.87 20.06 -0.22
N VAL A 38 12.62 19.06 0.24
CA VAL A 38 12.47 18.67 1.63
C VAL A 38 13.27 19.65 2.48
N ASP A 39 12.67 20.09 3.58
CA ASP A 39 13.35 20.99 4.50
C ASP A 39 13.91 20.14 5.62
N ASN A 40 15.11 20.48 6.09
CA ASN A 40 15.75 19.75 7.19
C ASN A 40 15.69 18.25 7.04
N ARG A 41 16.39 17.74 6.02
CA ARG A 41 16.42 16.32 5.78
C ARG A 41 17.05 15.66 6.99
N ALA A 42 18.09 16.29 7.51
CA ALA A 42 18.81 15.76 8.67
C ALA A 42 17.94 15.42 9.88
N PHE A 43 17.19 16.38 10.42
CA PHE A 43 16.39 16.01 11.57
C PHE A 43 15.17 15.16 11.22
N ARG A 44 14.72 15.22 9.97
CA ARG A 44 13.59 14.39 9.57
C ARG A 44 14.05 12.92 9.54
N ARG A 45 15.28 12.68 9.09
CA ARG A 45 15.84 11.33 9.07
C ARG A 45 15.90 10.81 10.50
N GLU A 46 16.28 11.69 11.44
CA GLU A 46 16.35 11.34 12.85
C GLU A 46 14.99 10.89 13.34
N GLN A 47 14.00 11.73 13.08
CA GLN A 47 12.63 11.48 13.49
C GLN A 47 12.14 10.12 13.00
N TYR A 48 12.16 9.92 11.69
CA TYR A 48 11.71 8.66 11.09
C TYR A 48 12.53 7.47 11.59
N ALA A 49 13.85 7.66 11.68
CA ALA A 49 14.72 6.58 12.15
C ALA A 49 14.26 6.07 13.50
N ARG A 50 13.99 6.97 14.43
CA ARG A 50 13.56 6.54 15.74
C ARG A 50 12.11 6.05 15.73
N MET A 51 11.27 6.61 14.88
CA MET A 51 9.87 6.14 14.83
C MET A 51 9.80 4.70 14.30
N VAL A 52 10.73 4.30 13.43
CA VAL A 52 10.73 2.93 12.90
C VAL A 52 11.36 1.99 13.94
N ALA A 53 12.35 2.47 14.69
CA ALA A 53 13.02 1.67 15.71
C ALA A 53 12.02 1.23 16.75
N LEU A 54 11.07 2.11 17.02
CA LEU A 54 10.01 1.84 17.97
C LEU A 54 8.94 0.94 17.33
N SER A 55 8.51 1.37 16.15
CA SER A 55 7.47 0.68 15.39
C SER A 55 7.66 -0.79 15.11
N GLU A 56 8.78 -1.15 14.48
CA GLU A 56 9.03 -2.54 14.13
C GLU A 56 8.73 -3.50 15.29
N PRO A 57 9.31 -3.25 16.48
CA PRO A 57 9.09 -4.10 17.66
C PRO A 57 7.62 -4.21 18.06
N LEU A 58 6.94 -3.07 18.17
CA LEU A 58 5.53 -3.07 18.57
C LEU A 58 4.67 -3.88 17.60
N ILE A 59 5.02 -3.82 16.32
CA ILE A 59 4.27 -4.55 15.33
C ILE A 59 4.63 -6.03 15.35
N ALA A 60 5.93 -6.31 15.47
CA ALA A 60 6.42 -7.67 15.54
C ALA A 60 5.75 -8.43 16.68
N ASP A 61 5.62 -7.78 17.83
CA ASP A 61 5.01 -8.37 19.02
C ASP A 61 3.52 -8.59 18.86
N TYR A 62 2.83 -7.59 18.34
CA TYR A 62 1.39 -7.71 18.15
C TYR A 62 1.02 -8.79 17.13
N LEU A 63 1.88 -8.99 16.14
CA LEU A 63 1.63 -9.98 15.09
C LEU A 63 2.36 -11.30 15.32
N GLY A 64 3.27 -11.33 16.28
CA GLY A 64 3.98 -12.56 16.56
C GLY A 64 4.91 -13.06 15.46
N VAL A 65 5.35 -12.16 14.59
CA VAL A 65 6.28 -12.53 13.53
C VAL A 65 7.27 -11.40 13.38
N ARG A 66 8.41 -11.71 12.79
CA ARG A 66 9.43 -10.71 12.61
C ARG A 66 9.68 -10.54 11.12
N LEU A 67 10.43 -9.50 10.78
CA LEU A 67 10.76 -9.26 9.39
C LEU A 67 11.97 -10.09 9.04
N PRO A 68 12.03 -10.61 7.83
CA PRO A 68 13.17 -11.42 7.41
C PRO A 68 14.41 -10.53 7.48
N GLU A 69 14.20 -9.23 7.28
CA GLU A 69 15.28 -8.25 7.28
C GLU A 69 14.82 -7.01 8.07
N PRO A 70 15.46 -6.72 9.22
CA PRO A 70 15.05 -5.54 10.00
C PRO A 70 15.23 -4.28 9.16
N VAL A 71 14.38 -3.29 9.37
CA VAL A 71 14.51 -2.05 8.62
C VAL A 71 15.75 -1.32 9.10
N SER A 72 16.85 -1.45 8.37
CA SER A 72 18.09 -0.81 8.77
C SER A 72 18.38 0.49 8.04
N ARG A 73 17.54 0.85 7.07
CA ARG A 73 17.74 2.09 6.34
C ARG A 73 16.39 2.80 6.13
N ILE A 74 16.43 4.12 6.08
CA ILE A 74 15.23 4.88 5.83
C ILE A 74 15.59 6.02 4.90
N PHE A 75 14.73 6.30 3.94
CA PHE A 75 14.99 7.38 3.02
C PHE A 75 13.88 8.43 3.08
N VAL A 76 14.28 9.69 3.16
CA VAL A 76 13.35 10.81 3.15
C VAL A 76 13.43 11.26 1.69
N PHE A 77 12.34 11.11 0.94
CA PHE A 77 12.32 11.50 -0.46
C PHE A 77 11.58 12.80 -0.72
N ASP A 78 11.94 13.44 -1.83
CA ASP A 78 11.23 14.63 -2.29
C ASP A 78 10.54 13.96 -3.49
N ARG A 79 9.78 14.72 -4.27
CA ARG A 79 9.06 14.14 -5.41
C ARG A 79 9.96 13.62 -6.52
N ARG A 80 11.09 14.30 -6.72
CA ARG A 80 12.02 13.89 -7.76
C ARG A 80 12.66 12.54 -7.40
N GLU A 81 13.08 12.41 -6.15
CA GLU A 81 13.69 11.16 -5.71
C GLU A 81 12.67 10.04 -5.73
N TRP A 82 11.42 10.34 -5.39
CA TRP A 82 10.42 9.29 -5.43
C TRP A 82 10.30 8.76 -6.85
N LEU A 83 10.32 9.66 -7.83
CA LEU A 83 10.22 9.31 -9.25
C LEU A 83 11.42 8.53 -9.78
N GLU A 84 12.62 9.03 -9.51
CA GLU A 84 13.85 8.37 -9.97
C GLU A 84 13.93 6.94 -9.45
N ALA A 85 13.41 6.72 -8.25
CA ALA A 85 13.46 5.42 -7.61
C ALA A 85 12.34 4.46 -8.00
N ASN A 86 11.26 4.99 -8.57
CA ASN A 86 10.09 4.19 -8.93
C ASN A 86 9.74 4.08 -10.40
N ILE A 87 10.35 4.91 -11.24
CA ILE A 87 9.99 4.89 -12.65
C ILE A 87 10.27 3.59 -13.39
N VAL A 88 11.36 2.90 -13.06
CA VAL A 88 11.67 1.63 -13.71
C VAL A 88 10.64 0.58 -13.29
N SER A 89 10.41 0.48 -11.98
CA SER A 89 9.45 -0.47 -11.45
C SER A 89 8.08 -0.19 -12.07
N PHE A 90 7.78 1.08 -12.25
CA PHE A 90 6.51 1.50 -12.83
C PHE A 90 6.42 1.01 -14.28
N SER A 91 7.38 1.38 -15.11
CA SER A 91 7.37 0.96 -16.49
C SER A 91 7.23 -0.56 -16.60
N GLN A 92 7.94 -1.28 -15.76
CA GLN A 92 7.89 -2.73 -15.77
C GLN A 92 6.50 -3.31 -15.56
N LEU A 93 5.61 -2.53 -14.96
CA LEU A 93 4.24 -2.98 -14.76
C LEU A 93 3.59 -3.07 -16.14
N PHE A 94 4.24 -2.49 -17.13
CA PHE A 94 3.72 -2.48 -18.50
C PHE A 94 4.38 -3.53 -19.41
N ARG A 95 5.30 -4.31 -18.88
CA ARG A 95 5.97 -5.33 -19.68
C ARG A 95 4.99 -6.33 -20.32
N PRO A 96 3.96 -6.77 -19.57
CA PRO A 96 3.00 -7.71 -20.15
C PRO A 96 2.27 -7.14 -21.36
N ILE A 97 2.17 -5.82 -21.43
CA ILE A 97 1.49 -5.16 -22.54
C ILE A 97 2.46 -4.84 -23.68
N GLU A 98 3.70 -4.50 -23.34
CA GLU A 98 4.67 -4.15 -24.35
C GLU A 98 5.21 -5.35 -25.12
N GLU A 99 5.20 -6.52 -24.48
CA GLU A 99 5.67 -7.75 -25.12
C GLU A 99 4.55 -8.21 -26.04
N MET A 100 3.37 -8.34 -25.44
CA MET A 100 2.17 -8.75 -26.11
C MET A 100 1.88 -7.85 -27.32
N TYR A 101 2.50 -6.66 -27.33
CA TYR A 101 2.31 -5.73 -28.41
C TYR A 101 3.17 -6.14 -29.60
N GLU A 102 4.37 -6.63 -29.31
CA GLU A 102 5.30 -7.08 -30.34
C GLU A 102 4.69 -8.24 -31.11
N LYS A 103 4.39 -9.31 -30.37
CA LYS A 103 3.81 -10.52 -30.91
C LYS A 103 2.42 -10.21 -31.49
N SER A 119 3.05 8.94 -31.13
CA SER A 119 2.08 8.04 -30.51
C SER A 119 2.67 7.34 -29.30
N SER A 120 3.83 6.73 -29.46
CA SER A 120 4.49 6.08 -28.35
C SER A 120 4.91 7.23 -27.45
N LYS A 121 4.99 8.41 -28.07
CA LYS A 121 5.36 9.65 -27.40
C LYS A 121 4.13 10.17 -26.65
N LEU A 122 2.99 10.17 -27.35
CA LEU A 122 1.73 10.64 -26.80
C LEU A 122 1.25 9.69 -25.70
N LEU A 123 1.69 8.44 -25.75
CA LEU A 123 1.35 7.50 -24.70
C LEU A 123 2.23 7.86 -23.51
N GLY A 124 3.52 8.08 -23.78
CA GLY A 124 4.45 8.44 -22.73
C GLY A 124 4.02 9.69 -21.99
N VAL A 125 3.51 10.67 -22.74
CA VAL A 125 3.04 11.92 -22.15
C VAL A 125 1.93 11.63 -21.14
N GLN A 126 0.99 10.78 -21.54
CA GLN A 126 -0.14 10.44 -20.67
C GLN A 126 0.21 9.61 -19.43
N ILE A 127 1.05 8.59 -19.63
CA ILE A 127 1.48 7.72 -18.54
C ILE A 127 2.40 8.51 -17.60
N GLY A 128 3.31 9.29 -18.19
CA GLY A 128 4.22 10.09 -17.41
C GLY A 128 3.45 11.15 -16.65
N GLY A 129 2.44 11.72 -17.31
CA GLY A 129 1.63 12.73 -16.68
C GLY A 129 0.97 12.17 -15.44
N LEU A 130 0.35 11.00 -15.59
CA LEU A 130 -0.32 10.35 -14.48
C LEU A 130 0.67 10.05 -13.35
N LEU A 131 1.87 9.61 -13.71
CA LEU A 131 2.89 9.31 -12.74
C LEU A 131 3.37 10.58 -12.01
N GLY A 132 3.52 11.68 -12.75
CA GLY A 132 3.95 12.92 -12.15
C GLY A 132 2.88 13.38 -11.17
N TYR A 133 1.63 13.07 -11.51
CA TYR A 133 0.53 13.43 -10.65
C TYR A 133 0.62 12.62 -9.36
N LEU A 134 0.91 11.32 -9.50
CA LEU A 134 1.04 10.43 -8.35
C LEU A 134 2.15 10.93 -7.44
N ALA A 135 3.21 11.45 -8.02
CA ALA A 135 4.35 11.96 -7.26
C ALA A 135 4.01 13.10 -6.27
N GLN A 136 2.93 13.82 -6.51
CA GLN A 136 2.57 14.90 -5.59
C GLN A 136 1.52 14.48 -4.60
N ARG A 137 1.20 13.19 -4.59
CA ARG A 137 0.19 12.69 -3.69
C ARG A 137 0.67 11.53 -2.83
N VAL A 138 1.61 10.74 -3.35
CA VAL A 138 2.12 9.60 -2.60
C VAL A 138 2.82 10.08 -1.34
N LEU A 139 2.60 9.36 -0.26
CA LEU A 139 3.18 9.70 1.03
C LEU A 139 4.31 8.76 1.43
N GLY A 140 4.21 7.49 1.04
CA GLY A 140 5.25 6.54 1.40
C GLY A 140 5.30 5.23 0.61
N GLN A 141 6.14 4.33 1.10
CA GLN A 141 6.38 3.03 0.49
C GLN A 141 5.22 2.17 -0.03
N TYR A 142 4.19 1.99 0.77
CA TYR A 142 3.08 1.11 0.36
C TYR A 142 1.78 1.77 -0.05
N ASP A 143 1.84 2.88 -0.75
CA ASP A 143 0.61 3.55 -1.16
C ASP A 143 0.05 2.94 -2.43
N LEU A 144 0.94 2.37 -3.24
CA LEU A 144 0.55 1.76 -4.49
C LEU A 144 0.86 0.26 -4.44
N SER A 145 -0.20 -0.55 -4.40
CA SER A 145 -0.08 -2.00 -4.33
C SER A 145 0.86 -2.59 -5.37
N LEU A 146 0.68 -2.23 -6.64
CA LEU A 146 1.55 -2.78 -7.69
C LEU A 146 3.03 -2.45 -7.52
N LEU A 147 3.33 -1.42 -6.74
CA LEU A 147 4.72 -1.08 -6.47
C LEU A 147 5.18 -1.79 -5.21
N SER A 148 4.23 -2.21 -4.39
CA SER A 148 4.54 -2.92 -3.14
C SER A 148 4.83 -4.40 -3.34
N ALA A 149 4.50 -4.92 -4.52
CA ALA A 149 4.72 -6.33 -4.83
C ALA A 149 6.13 -6.82 -4.49
N GLY A 153 13.28 -5.61 0.85
CA GLY A 153 13.09 -5.26 2.25
C GLY A 153 14.31 -4.61 2.88
N GLY A 154 14.22 -4.31 4.18
CA GLY A 154 15.33 -3.71 4.89
C GLY A 154 15.32 -2.19 4.99
N SER A 155 14.35 -1.54 4.36
CA SER A 155 14.29 -0.08 4.40
C SER A 155 12.91 0.46 4.13
N LEU A 156 12.71 1.74 4.45
CA LEU A 156 11.44 2.40 4.20
C LEU A 156 11.73 3.84 3.79
N TYR A 157 10.89 4.39 2.93
CA TYR A 157 11.06 5.78 2.51
C TYR A 157 9.79 6.55 2.79
N PHE A 158 9.94 7.85 2.95
CA PHE A 158 8.82 8.73 3.23
C PHE A 158 8.99 9.94 2.33
N VAL A 159 7.94 10.28 1.61
CA VAL A 159 8.00 11.50 0.80
C VAL A 159 7.57 12.71 1.62
N GLU A 160 8.44 13.15 2.52
CA GLU A 160 8.19 14.16 3.54
C GLU A 160 7.44 15.36 2.95
N PRO A 161 7.76 15.84 1.77
CA PRO A 161 7.06 17.02 1.25
C PRO A 161 5.55 16.86 1.20
N ASN A 162 5.08 15.72 0.71
CA ASN A 162 3.65 15.48 0.62
C ASN A 162 3.08 15.18 2.01
N ILE A 163 3.89 14.56 2.85
CA ILE A 163 3.49 14.26 4.22
C ILE A 163 3.27 15.58 4.97
N ALA A 164 4.20 16.52 4.79
CA ALA A 164 4.12 17.82 5.43
C ALA A 164 2.90 18.61 4.94
N ARG A 165 2.62 18.52 3.65
CA ARG A 165 1.48 19.23 3.08
C ARG A 165 0.14 18.68 3.57
N VAL A 166 0.05 17.37 3.78
CA VAL A 166 -1.19 16.80 4.27
C VAL A 166 -1.38 17.16 5.73
N GLN A 167 -0.33 17.00 6.53
CA GLN A 167 -0.36 17.32 7.95
C GLN A 167 -0.90 18.73 8.19
N GLN A 168 -0.43 19.66 7.39
CA GLN A 168 -0.81 21.05 7.53
C GLN A 168 -2.18 21.38 6.95
N GLN A 169 -2.54 20.72 5.86
CA GLN A 169 -3.85 20.97 5.28
C GLN A 169 -4.94 20.41 6.21
N LEU A 170 -4.58 19.41 7.01
CA LEU A 170 -5.53 18.79 7.92
C LEU A 170 -5.42 19.31 9.35
N GLY A 171 -4.56 20.30 9.55
CA GLY A 171 -4.38 20.85 10.89
C GLY A 171 -4.00 19.78 11.89
N LEU A 172 -3.11 18.88 11.49
CA LEU A 172 -2.70 17.82 12.39
C LEU A 172 -1.36 18.10 13.02
N SER A 173 -1.04 17.27 14.01
CA SER A 173 0.20 17.34 14.78
C SER A 173 1.39 16.80 13.98
N ASP A 174 2.50 17.54 13.98
CA ASP A 174 3.69 17.13 13.27
C ASP A 174 4.13 15.74 13.72
N GLU A 175 4.38 15.61 15.02
CA GLU A 175 4.83 14.35 15.58
C GLU A 175 3.84 13.20 15.43
N ASP A 176 2.59 13.44 15.81
CA ASP A 176 1.58 12.40 15.75
C ASP A 176 1.27 11.86 14.35
N PHE A 177 1.16 12.76 13.38
CA PHE A 177 0.88 12.32 12.02
C PHE A 177 2.01 11.49 11.43
N ARG A 178 3.25 11.90 11.66
CA ARG A 178 4.38 11.17 11.13
C ARG A 178 4.61 9.82 11.82
N LEU A 179 4.18 9.71 13.07
CA LEU A 179 4.30 8.44 13.77
C LEU A 179 3.17 7.56 13.22
N TRP A 180 2.05 8.19 12.94
CA TRP A 180 0.89 7.50 12.39
C TRP A 180 1.31 6.88 11.05
N ILE A 181 1.99 7.67 10.24
CA ILE A 181 2.47 7.26 8.93
C ILE A 181 3.50 6.16 9.01
N THR A 182 4.42 6.28 9.96
CA THR A 182 5.44 5.28 10.14
C THR A 182 4.81 3.94 10.54
N LEU A 183 3.84 4.00 11.44
CA LEU A 183 3.14 2.80 11.90
C LEU A 183 2.40 2.14 10.75
N HIS A 184 1.75 2.97 9.96
CA HIS A 184 1.01 2.48 8.81
C HIS A 184 2.00 1.82 7.83
N GLU A 185 3.14 2.46 7.63
CA GLU A 185 4.18 1.99 6.73
C GLU A 185 4.77 0.65 7.18
N MET A 186 5.12 0.56 8.46
CA MET A 186 5.70 -0.65 8.99
C MET A 186 4.69 -1.78 8.98
N THR A 187 3.43 -1.46 9.22
CA THR A 187 2.41 -2.47 9.20
C THR A 187 2.39 -3.17 7.84
N HIS A 188 2.33 -2.37 6.77
CA HIS A 188 2.32 -2.94 5.44
C HIS A 188 3.61 -3.68 5.06
N ALA A 189 4.73 -3.29 5.66
CA ALA A 189 5.99 -3.96 5.39
C ALA A 189 5.87 -5.37 5.94
N PHE A 190 5.25 -5.49 7.10
CA PHE A 190 5.05 -6.77 7.74
C PHE A 190 4.08 -7.62 6.89
N GLU A 191 2.94 -7.03 6.54
CA GLU A 191 1.92 -7.73 5.75
C GLU A 191 2.48 -8.24 4.42
N PHE A 192 3.41 -7.48 3.82
CA PHE A 192 3.99 -7.88 2.54
C PHE A 192 5.24 -8.72 2.65
N GLU A 193 5.93 -8.66 3.79
CA GLU A 193 7.18 -9.40 3.94
C GLU A 193 7.28 -10.40 5.08
N ALA A 194 6.46 -10.27 6.11
CA ALA A 194 6.52 -11.21 7.24
C ALA A 194 5.99 -12.59 6.86
N TYR A 195 5.16 -12.66 5.81
CA TYR A 195 4.61 -13.92 5.33
C TYR A 195 5.13 -14.03 3.91
N PRO A 196 6.17 -14.85 3.70
CA PRO A 196 6.79 -15.06 2.38
C PRO A 196 5.87 -15.35 1.21
N TRP A 197 4.76 -16.05 1.43
CA TRP A 197 3.86 -16.36 0.33
C TRP A 197 3.11 -15.17 -0.27
N VAL A 198 2.96 -14.09 0.48
CA VAL A 198 2.18 -12.98 -0.02
C VAL A 198 2.61 -12.42 -1.38
N ARG A 199 3.89 -12.10 -1.54
CA ARG A 199 4.36 -11.57 -2.82
C ARG A 199 4.38 -12.64 -3.91
N THR A 200 4.66 -13.88 -3.53
CA THR A 200 4.68 -14.98 -4.49
C THR A 200 3.26 -15.11 -5.04
N TYR A 201 2.30 -15.15 -4.12
CA TYR A 201 0.89 -15.27 -4.45
C TYR A 201 0.40 -14.06 -5.24
N PHE A 202 0.93 -12.88 -4.91
CA PHE A 202 0.52 -11.67 -5.61
C PHE A 202 1.11 -11.72 -7.01
N ARG A 203 2.35 -12.17 -7.14
CA ARG A 203 2.96 -12.27 -8.45
C ARG A 203 2.21 -13.33 -9.25
N GLU A 204 1.75 -14.38 -8.58
CA GLU A 204 1.00 -15.44 -9.25
C GLU A 204 -0.27 -14.86 -9.87
N LEU A 205 -1.03 -14.14 -9.07
CA LEU A 205 -2.29 -13.53 -9.52
C LEU A 205 -2.10 -12.62 -10.73
N LEU A 206 -0.97 -11.93 -10.78
CA LEU A 206 -0.71 -11.02 -11.88
C LEU A 206 -0.47 -11.81 -13.14
N GLU A 207 0.37 -12.84 -13.04
CA GLU A 207 0.65 -13.70 -14.19
C GLU A 207 -0.67 -14.26 -14.73
N GLN A 208 -1.50 -14.74 -13.81
CA GLN A 208 -2.80 -15.31 -14.18
C GLN A 208 -3.58 -14.34 -15.08
N ASN A 209 -3.93 -13.18 -14.54
CA ASN A 209 -4.67 -12.15 -15.26
C ASN A 209 -4.21 -11.95 -16.69
N PHE A 210 -2.90 -11.89 -16.87
CA PHE A 210 -2.30 -11.66 -18.18
C PHE A 210 -2.39 -12.81 -19.18
N ALA A 211 -2.80 -13.99 -18.71
CA ALA A 211 -2.95 -15.15 -19.59
C ALA A 211 -4.00 -14.90 -20.65
N LEU A 212 -4.64 -13.74 -20.58
CA LEU A 212 -5.64 -13.32 -21.55
C LEU A 212 -5.68 -11.80 -21.71
N THR A 247 -15.08 -12.72 -18.68
CA THR A 247 -15.10 -14.16 -18.49
C THR A 247 -15.03 -14.49 -17.00
N PRO A 248 -15.79 -15.49 -16.54
CA PRO A 248 -15.76 -15.85 -15.12
C PRO A 248 -14.33 -16.21 -14.70
N GLU A 249 -13.46 -16.41 -15.69
CA GLU A 249 -12.07 -16.76 -15.45
C GLU A 249 -11.28 -15.54 -14.98
N GLN A 250 -11.38 -14.46 -15.74
CA GLN A 250 -10.66 -13.23 -15.41
C GLN A 250 -11.26 -12.62 -14.14
N ARG A 251 -12.57 -12.79 -13.96
CA ARG A 251 -13.25 -12.25 -12.76
C ARG A 251 -12.79 -12.94 -11.49
N ALA A 252 -12.43 -14.22 -11.59
CA ALA A 252 -11.96 -14.96 -10.42
C ALA A 252 -10.65 -14.32 -9.97
N VAL A 253 -9.82 -13.99 -10.94
CA VAL A 253 -8.53 -13.35 -10.70
C VAL A 253 -8.77 -12.03 -9.99
N PHE A 254 -9.57 -11.15 -10.61
CA PHE A 254 -9.85 -9.85 -10.02
C PHE A 254 -10.38 -10.01 -8.61
N ASP A 255 -11.32 -10.94 -8.45
CA ASP A 255 -11.94 -11.20 -7.16
C ASP A 255 -10.88 -11.46 -6.10
N ARG A 256 -9.88 -12.27 -6.45
CA ARG A 256 -8.78 -12.61 -5.55
C ARG A 256 -7.88 -11.41 -5.24
N ILE A 257 -7.45 -10.71 -6.29
CA ILE A 257 -6.60 -9.54 -6.13
C ILE A 257 -7.33 -8.53 -5.24
N GLN A 258 -8.62 -8.36 -5.53
CA GLN A 258 -9.45 -7.44 -4.76
C GLN A 258 -9.56 -7.87 -3.31
N ALA A 259 -9.80 -9.15 -3.05
CA ALA A 259 -9.92 -9.64 -1.68
C ALA A 259 -8.59 -9.52 -0.92
N LEU A 260 -7.47 -9.73 -1.60
CA LEU A 260 -6.16 -9.62 -0.96
C LEU A 260 -5.90 -8.15 -0.58
N MET A 261 -6.09 -7.25 -1.54
CA MET A 261 -5.88 -5.83 -1.28
C MET A 261 -6.78 -5.37 -0.12
N SER A 262 -8.01 -5.85 -0.09
CA SER A 262 -8.94 -5.50 0.98
C SER A 262 -8.48 -5.97 2.37
N LEU A 263 -8.05 -7.23 2.46
CA LEU A 263 -7.57 -7.76 3.73
C LEU A 263 -6.32 -7.03 4.19
N ILE A 264 -5.40 -6.80 3.26
CA ILE A 264 -4.18 -6.10 3.57
C ILE A 264 -4.50 -4.73 4.21
N GLU A 265 -5.47 -4.00 3.65
CA GLU A 265 -5.85 -2.69 4.19
C GLU A 265 -6.61 -2.82 5.50
N GLY A 266 -7.59 -3.71 5.53
CA GLY A 266 -8.38 -3.95 6.73
C GLY A 266 -7.57 -4.48 7.88
N TYR A 267 -6.70 -5.44 7.62
CA TYR A 267 -5.88 -6.00 8.69
C TYR A 267 -4.90 -4.92 9.14
N GLY A 268 -4.40 -4.15 8.17
CA GLY A 268 -3.46 -3.10 8.50
C GLY A 268 -4.13 -2.01 9.31
N ASN A 269 -5.39 -1.70 8.98
CA ASN A 269 -6.12 -0.67 9.71
C ASN A 269 -6.50 -1.17 11.10
N HIS A 270 -6.51 -2.48 11.28
CA HIS A 270 -6.85 -3.05 12.57
C HIS A 270 -5.65 -2.96 13.51
N VAL A 271 -4.47 -3.22 12.97
CA VAL A 271 -3.25 -3.14 13.76
C VAL A 271 -3.02 -1.68 14.15
N MET A 272 -3.47 -0.76 13.30
CA MET A 272 -3.33 0.66 13.58
C MET A 272 -4.10 1.02 14.85
N ASN A 273 -5.36 0.58 14.92
CA ASN A 273 -6.21 0.84 16.08
C ASN A 273 -5.65 0.27 17.37
N ALA A 274 -5.04 -0.91 17.28
CA ALA A 274 -4.49 -1.58 18.45
C ALA A 274 -3.10 -1.12 18.89
N VAL A 275 -2.28 -0.66 17.96
CA VAL A 275 -0.93 -0.22 18.34
C VAL A 275 -0.80 1.30 18.31
N GLY A 276 -1.48 1.93 17.36
CA GLY A 276 -1.41 3.38 17.22
C GLY A 276 -2.19 4.15 18.28
N ARG A 277 -3.33 3.59 18.70
CA ARG A 277 -4.15 4.26 19.70
C ARG A 277 -3.42 4.51 21.01
N ARG A 278 -2.73 3.49 21.50
CA ARG A 278 -1.99 3.63 22.74
C ARG A 278 -0.87 4.67 22.66
N LEU A 279 -0.40 4.95 21.45
CA LEU A 279 0.69 5.91 21.30
C LEU A 279 0.38 7.25 20.65
N LEU A 280 -0.83 7.42 20.12
CA LEU A 280 -1.16 8.70 19.48
C LEU A 280 -2.34 9.41 20.12
N PRO A 281 -2.08 10.44 20.95
CA PRO A 281 -3.18 11.17 21.60
C PRO A 281 -4.17 11.80 20.62
N SER A 282 -3.70 12.14 19.43
CA SER A 282 -4.56 12.74 18.42
C SER A 282 -5.11 11.69 17.46
N PHE A 283 -4.92 10.42 17.79
CA PHE A 283 -5.37 9.31 16.96
C PHE A 283 -6.77 9.48 16.39
N ASN A 284 -7.76 9.70 17.26
CA ASN A 284 -9.12 9.87 16.78
C ASN A 284 -9.16 11.04 15.79
N GLN A 285 -8.48 12.12 16.14
CA GLN A 285 -8.43 13.31 15.27
C GLN A 285 -7.95 12.97 13.86
N ILE A 286 -6.83 12.27 13.79
CA ILE A 286 -6.23 11.88 12.51
C ILE A 286 -7.16 11.01 11.68
N GLU A 287 -7.59 9.89 12.26
CA GLU A 287 -8.49 8.98 11.56
C GLU A 287 -9.63 9.77 10.94
N GLN A 288 -10.15 10.75 11.68
CA GLN A 288 -11.25 11.59 11.20
C GLN A 288 -10.81 12.39 9.99
N GLN A 289 -9.75 13.18 10.18
CA GLN A 289 -9.20 14.04 9.13
C GLN A 289 -8.69 13.32 7.88
N ILE A 290 -8.01 12.21 8.10
CA ILE A 290 -7.42 11.45 7.01
C ILE A 290 -8.42 10.60 6.20
N ALA A 291 -9.65 10.53 6.68
CA ALA A 291 -10.70 9.74 6.02
C ALA A 291 -10.78 9.95 4.50
N GLN A 292 -10.87 11.20 4.06
CA GLN A 292 -10.97 11.46 2.62
C GLN A 292 -9.69 11.14 1.86
N ARG A 293 -8.54 11.32 2.51
CA ARG A 293 -7.25 11.03 1.88
C ARG A 293 -7.08 9.52 1.67
N GLN A 294 -7.80 8.73 2.46
CA GLN A 294 -7.75 7.28 2.34
C GLN A 294 -8.62 6.85 1.15
N ARG A 295 -9.76 7.51 0.98
CA ARG A 295 -10.67 7.22 -0.13
C ARG A 295 -9.89 7.52 -1.41
N GLN A 296 -9.12 8.60 -1.35
CA GLN A 296 -8.32 9.04 -2.48
C GLN A 296 -7.22 8.03 -2.83
N ARG A 297 -6.49 7.56 -1.83
CA ARG A 297 -5.39 6.61 -2.03
C ARG A 297 -5.91 5.34 -2.70
N THR A 298 -7.12 4.93 -2.30
CA THR A 298 -7.74 3.74 -2.84
C THR A 298 -8.06 3.91 -4.33
N MET A 299 -8.57 5.08 -4.68
CA MET A 299 -8.92 5.34 -6.07
C MET A 299 -7.68 5.36 -6.95
N LEU A 300 -6.62 5.98 -6.47
CA LEU A 300 -5.39 6.06 -7.24
C LEU A 300 -4.69 4.69 -7.31
N ASP A 301 -4.82 3.89 -6.27
CA ASP A 301 -4.22 2.56 -6.28
C ASP A 301 -4.94 1.72 -7.34
N GLN A 302 -6.24 1.93 -7.43
CA GLN A 302 -7.04 1.22 -8.41
C GLN A 302 -6.68 1.70 -9.82
N MET A 303 -6.53 3.02 -9.97
CA MET A 303 -6.17 3.66 -11.22
C MET A 303 -4.91 3.01 -11.80
N VAL A 304 -3.93 2.75 -10.94
CA VAL A 304 -2.69 2.13 -11.37
C VAL A 304 -2.92 0.72 -11.92
N PHE A 305 -3.88 -0.01 -11.33
CA PHE A 305 -4.17 -1.36 -11.82
C PHE A 305 -4.76 -1.30 -13.23
N ARG A 306 -5.76 -0.46 -13.42
CA ARG A 306 -6.43 -0.31 -14.71
C ARG A 306 -5.51 0.21 -15.79
N LEU A 307 -4.61 1.11 -15.42
CA LEU A 307 -3.64 1.68 -16.35
C LEU A 307 -2.78 0.57 -16.94
N THR A 308 -2.34 -0.34 -16.09
CA THR A 308 -1.49 -1.46 -16.52
C THR A 308 -2.26 -2.67 -17.08
N GLY A 309 -3.59 -2.60 -17.08
CA GLY A 309 -4.33 -3.72 -17.65
C GLY A 309 -5.15 -4.60 -16.73
N LEU A 310 -5.36 -4.15 -15.49
CA LEU A 310 -6.17 -4.90 -14.53
C LEU A 310 -7.39 -4.02 -14.25
N ASP A 311 -8.43 -4.18 -15.07
CA ASP A 311 -9.64 -3.39 -14.93
C ASP A 311 -10.55 -3.86 -13.80
N LEU A 312 -9.96 -4.04 -12.63
CA LEU A 312 -10.70 -4.48 -11.46
C LEU A 312 -11.20 -3.27 -10.67
N LYS A 313 -11.87 -3.53 -9.56
CA LYS A 313 -12.38 -2.45 -8.73
C LYS A 313 -12.11 -2.71 -7.26
N LEU A 314 -11.30 -1.86 -6.65
CA LEU A 314 -10.99 -2.01 -5.23
C LEU A 314 -12.21 -1.71 -4.36
N ALA A 315 -12.20 -2.13 -3.10
CA ALA A 315 -13.34 -1.87 -2.24
C ALA A 315 -13.10 -0.67 -1.34
N GLN A 316 -14.17 0.10 -1.11
CA GLN A 316 -14.13 1.31 -0.29
C GLN A 316 -13.19 1.23 0.90
N TYR A 317 -13.77 0.83 2.03
CA TYR A 317 -13.05 0.69 3.30
C TYR A 317 -14.07 0.07 4.22
N GLN A 318 -13.63 -0.33 5.41
CA GLN A 318 -14.51 -0.98 6.39
C GLN A 318 -14.85 -2.36 5.82
N GLN A 319 -15.10 -2.43 4.52
CA GLN A 319 -15.42 -3.70 3.88
C GLN A 319 -14.38 -4.70 4.41
N GLY A 320 -13.11 -4.41 4.15
CA GLY A 320 -12.04 -5.28 4.61
C GLY A 320 -11.70 -5.09 6.07
N GLU A 321 -12.06 -3.94 6.63
CA GLU A 321 -11.76 -3.66 8.03
C GLU A 321 -12.80 -4.24 8.99
N ALA A 322 -14.07 -4.17 8.58
CA ALA A 322 -15.18 -4.69 9.35
C ALA A 322 -15.09 -6.20 9.37
N PHE A 323 -14.54 -6.77 8.31
CA PHE A 323 -14.35 -8.21 8.24
C PHE A 323 -13.45 -8.59 9.41
N VAL A 324 -12.28 -7.97 9.47
CA VAL A 324 -11.31 -8.24 10.52
C VAL A 324 -11.81 -7.87 11.92
N ASN A 325 -12.54 -6.76 12.05
CA ASN A 325 -13.04 -6.34 13.35
C ASN A 325 -14.07 -7.36 13.80
N ALA A 326 -14.90 -7.78 12.85
CA ALA A 326 -15.92 -8.77 13.14
C ALA A 326 -15.27 -10.03 13.72
N VAL A 327 -14.53 -10.78 12.90
CA VAL A 327 -13.90 -12.01 13.38
C VAL A 327 -13.05 -11.81 14.63
N VAL A 328 -12.32 -10.71 14.72
CA VAL A 328 -11.50 -10.48 15.91
C VAL A 328 -12.42 -10.34 17.13
N ALA A 329 -13.56 -9.69 16.95
CA ALA A 329 -14.50 -9.54 18.05
C ALA A 329 -15.06 -10.91 18.41
N ALA A 330 -15.39 -11.68 17.38
CA ALA A 330 -15.96 -13.01 17.52
C ALA A 330 -15.02 -14.11 17.99
N ARG A 331 -13.72 -13.99 17.69
CA ARG A 331 -12.79 -15.05 18.09
C ARG A 331 -11.41 -14.61 18.55
N GLY A 332 -11.10 -13.34 18.39
CA GLY A 332 -9.79 -12.89 18.83
C GLY A 332 -8.77 -12.74 17.71
N ILE A 333 -7.69 -12.04 18.02
CA ILE A 333 -6.62 -11.78 17.06
C ILE A 333 -5.91 -13.05 16.60
N GLN A 334 -5.70 -13.98 17.52
CA GLN A 334 -5.00 -15.22 17.18
C GLN A 334 -5.77 -15.96 16.09
N PHE A 335 -7.08 -16.07 16.25
CA PHE A 335 -7.92 -16.75 15.25
C PHE A 335 -7.81 -15.99 13.93
N ALA A 336 -8.06 -14.69 13.98
CA ALA A 336 -7.99 -13.83 12.79
C ALA A 336 -6.63 -13.86 12.10
N SER A 337 -5.56 -14.17 12.84
CA SER A 337 -4.22 -14.23 12.26
C SER A 337 -4.07 -15.43 11.31
N ARG A 338 -5.03 -16.33 11.33
CA ARG A 338 -4.99 -17.51 10.47
C ARG A 338 -5.05 -17.15 8.99
N VAL A 339 -5.55 -15.95 8.70
CA VAL A 339 -5.63 -15.50 7.32
C VAL A 339 -4.23 -15.39 6.69
N TRP A 340 -3.19 -15.32 7.54
CA TRP A 340 -1.79 -15.19 7.09
C TRP A 340 -1.01 -16.50 6.94
N GLU A 341 -1.67 -17.64 7.14
CA GLU A 341 -0.98 -18.91 7.03
C GLU A 341 -0.77 -19.37 5.60
N ARG A 342 -1.68 -18.97 4.71
CA ARG A 342 -1.62 -19.37 3.30
C ARG A 342 -2.64 -18.59 2.46
N PRO A 343 -2.46 -18.56 1.13
CA PRO A 343 -3.39 -17.84 0.25
C PRO A 343 -4.80 -18.35 0.40
N GLU A 344 -4.92 -19.65 0.63
CA GLU A 344 -6.21 -20.31 0.79
C GLU A 344 -7.02 -19.80 1.97
N ASN A 345 -6.34 -19.28 2.98
CA ASN A 345 -7.02 -18.78 4.17
C ASN A 345 -7.51 -17.34 4.04
N LEU A 346 -7.25 -16.73 2.88
CA LEU A 346 -7.71 -15.35 2.67
C LEU A 346 -9.19 -15.47 2.36
N PRO A 347 -9.99 -14.51 2.83
CA PRO A 347 -11.42 -14.59 2.55
C PRO A 347 -11.70 -14.19 1.11
N SER A 348 -12.87 -14.59 0.61
CA SER A 348 -13.26 -14.22 -0.74
C SER A 348 -13.88 -12.84 -0.52
N MET A 349 -14.27 -12.15 -1.59
CA MET A 349 -14.91 -10.85 -1.41
C MET A 349 -16.20 -11.09 -0.64
N ASP A 350 -16.83 -12.23 -0.90
CA ASP A 350 -18.07 -12.60 -0.21
C ASP A 350 -17.83 -12.75 1.29
N GLU A 351 -16.82 -13.53 1.65
CA GLU A 351 -16.50 -13.74 3.06
C GLU A 351 -16.17 -12.41 3.74
N ILE A 352 -15.60 -11.48 2.98
CA ILE A 352 -15.29 -10.17 3.53
C ILE A 352 -16.60 -9.45 3.86
N ARG A 353 -17.63 -9.72 3.06
CA ARG A 353 -18.94 -9.10 3.26
C ARG A 353 -19.70 -9.82 4.37
N ASN A 354 -19.34 -11.07 4.60
CA ASN A 354 -19.97 -11.86 5.65
C ASN A 354 -18.87 -12.71 6.27
N PRO A 355 -18.18 -12.15 7.28
CA PRO A 355 -17.10 -12.84 7.99
C PRO A 355 -17.50 -14.24 8.48
N GLY A 356 -18.73 -14.37 8.95
CA GLY A 356 -19.23 -15.65 9.44
C GLY A 356 -18.82 -16.82 8.56
N GLN A 357 -19.03 -16.68 7.25
CA GLN A 357 -18.68 -17.73 6.29
C GLN A 357 -17.22 -18.12 6.46
N TRP A 358 -16.37 -17.12 6.64
CA TRP A 358 -14.94 -17.35 6.79
C TRP A 358 -14.60 -18.06 8.10
N ILE A 359 -15.24 -17.63 9.18
CA ILE A 359 -14.99 -18.22 10.49
C ILE A 359 -15.35 -19.70 10.45
N VAL A 360 -16.47 -20.01 9.82
CA VAL A 360 -16.90 -21.40 9.69
C VAL A 360 -15.88 -22.19 8.87
N ARG A 361 -15.53 -21.67 7.70
CA ARG A 361 -14.57 -22.35 6.83
C ARG A 361 -13.23 -22.61 7.53
N MET A 362 -12.78 -21.67 8.37
CA MET A 362 -11.51 -21.86 9.06
C MET A 362 -11.65 -22.98 10.08
N ASP A 363 -12.85 -23.12 10.63
CA ASP A 363 -13.16 -24.14 11.62
C ASP A 363 -13.07 -25.54 11.03
N ARG A 364 -13.52 -25.67 9.80
CA ARG A 364 -13.51 -26.94 9.10
C ARG A 364 -12.10 -27.36 8.71
N GLU A 365 -11.14 -26.46 8.89
CA GLU A 365 -9.76 -26.77 8.58
C GLU A 365 -9.15 -27.60 9.68
N GLY A 366 -7.99 -28.20 9.39
CA GLY A 366 -7.32 -29.04 10.37
C GLY A 366 -7.55 -30.47 9.94
#